data_3RFS
#
_entry.id   3RFS
#
_cell.length_a   31.733
_cell.length_b   107.693
_cell.length_c   71.277
_cell.angle_alpha   90.00
_cell.angle_beta   91.06
_cell.angle_gamma   90.00
#
_symmetry.space_group_name_H-M   'P 1 21 1'
#
loop_
_entity.id
_entity.type
_entity.pdbx_description
1 polymer 'Internalin B, repeat modules, Variable lymphocyte receptor B'
2 non-polymer 'MAGNESIUM ION'
3 water water
#
_entity_poly.entity_id   1
_entity_poly.type   'polypeptide(L)'
_entity_poly.pdbx_seq_one_letter_code
;ETITVSTPIKQIFPDDAFAETIKANLKKKSVTDAVTQNELNSIDQIIANNSDIKSVQGIQYLPNVRYLALGGNKLHDISA
LKELTNLTYLILTGNQLQSLPNGVFDKLTNLKELVLVENQLQSLPDGVFDKLTNLTYLNLAHNQLQSLPKGVFDKLTNLT
ELDLSYNQLQSLPEGVFDKLTQLKDLRLYQNQLKSVPDGVFDRLTSLQYIWLHDNPWDCTCPGIRYLSEWINKHSGVVRN
SAGSVAPDSAKCSGSGKPVRSIICPTHHHHHH
;
_entity_poly.pdbx_strand_id   A,B
#
loop_
_chem_comp.id
_chem_comp.type
_chem_comp.name
_chem_comp.formula
MG non-polymer 'MAGNESIUM ION' 'Mg 2'
#
# COMPACT_ATOMS: atom_id res chain seq x y z
N THR A 2 17.92 -15.53 -7.82
CA THR A 2 16.60 -16.10 -8.26
C THR A 2 16.37 -17.57 -7.83
N ILE A 3 15.08 -17.90 -7.75
CA ILE A 3 14.58 -19.25 -7.52
C ILE A 3 14.55 -19.95 -8.91
N THR A 4 15.28 -21.07 -9.01
CA THR A 4 15.53 -21.73 -10.28
C THR A 4 14.60 -22.91 -10.51
N VAL A 5 14.07 -23.44 -9.40
CA VAL A 5 13.13 -24.56 -9.40
C VAL A 5 12.00 -24.27 -8.41
N SER A 6 10.77 -24.65 -8.74
CA SER A 6 9.66 -24.32 -7.86
C SER A 6 9.92 -24.86 -6.43
N THR A 7 9.56 -24.07 -5.41
CA THR A 7 9.95 -24.34 -4.03
C THR A 7 8.84 -23.81 -3.12
N PRO A 8 8.46 -24.53 -2.07
CA PRO A 8 7.44 -24.08 -1.07
C PRO A 8 7.68 -22.68 -0.57
N ILE A 9 6.63 -21.84 -0.62
CA ILE A 9 6.67 -20.53 0.04
C ILE A 9 7.43 -20.58 1.39
N LYS A 10 7.09 -21.54 2.29
CA LYS A 10 7.63 -21.53 3.68
C LYS A 10 9.13 -21.88 3.69
N GLN A 11 9.63 -22.53 2.65
CA GLN A 11 11.09 -22.78 2.58
C GLN A 11 11.82 -21.48 2.22
N ILE A 12 11.26 -20.74 1.25
CA ILE A 12 11.87 -19.47 0.81
C ILE A 12 11.79 -18.38 1.90
N PHE A 13 10.61 -18.33 2.53
CA PHE A 13 10.25 -17.36 3.57
C PHE A 13 10.04 -18.03 4.89
N PRO A 14 11.14 -18.20 5.66
CA PRO A 14 11.06 -19.11 6.80
C PRO A 14 10.27 -18.52 7.98
N ASP A 15 10.04 -17.20 7.99
CA ASP A 15 9.27 -16.61 9.06
C ASP A 15 7.80 -16.93 8.83
N ASP A 16 7.14 -17.56 9.81
CA ASP A 16 5.75 -18.00 9.57
C ASP A 16 4.83 -16.84 9.13
N ALA A 17 4.95 -15.70 9.81
CA ALA A 17 4.04 -14.59 9.52
C ALA A 17 4.32 -14.02 8.13
N PHE A 18 5.61 -13.91 7.78
CA PHE A 18 5.93 -13.35 6.44
C PHE A 18 5.53 -14.31 5.33
N ALA A 19 5.72 -15.63 5.56
CA ALA A 19 5.32 -16.63 4.55
C ALA A 19 3.79 -16.47 4.26
N GLU A 20 2.99 -16.27 5.33
CA GLU A 20 1.54 -16.05 5.17
C GLU A 20 1.23 -14.76 4.36
N THR A 21 2.03 -13.69 4.60
CA THR A 21 1.93 -12.44 3.78
C THR A 21 2.13 -12.73 2.32
N ILE A 22 3.17 -13.51 2.02
CA ILE A 22 3.51 -13.82 0.63
C ILE A 22 2.39 -14.69 0.02
N LYS A 23 1.93 -15.68 0.79
CA LYS A 23 0.86 -16.56 0.26
C LYS A 23 -0.37 -15.74 -0.14
N ALA A 24 -0.80 -14.86 0.76
CA ALA A 24 -1.99 -14.06 0.52
C ALA A 24 -1.79 -13.12 -0.72
N ASN A 25 -0.59 -12.50 -0.80
CA ASN A 25 -0.29 -11.59 -1.94
C ASN A 25 -0.34 -12.34 -3.30
N LEU A 26 0.16 -13.60 -3.27
CA LEU A 26 0.18 -14.46 -4.45
C LEU A 26 -1.13 -15.17 -4.77
N LYS A 27 -2.08 -15.03 -3.85
CA LYS A 27 -3.37 -15.77 -3.87
C LYS A 27 -3.15 -17.25 -3.96
N LYS A 28 -2.14 -17.70 -3.24
CA LYS A 28 -1.89 -19.12 -3.09
C LYS A 28 -2.72 -19.64 -1.91
N LYS A 29 -2.90 -20.96 -1.84
CA LYS A 29 -3.80 -21.50 -0.82
C LYS A 29 -3.12 -21.96 0.47
N SER A 30 -1.81 -22.17 0.41
CA SER A 30 -1.09 -22.64 1.59
C SER A 30 0.37 -22.22 1.49
N VAL A 31 1.01 -21.96 2.62
CA VAL A 31 2.45 -21.70 2.59
C VAL A 31 3.33 -22.97 2.27
N THR A 32 2.70 -24.13 2.16
CA THR A 32 3.40 -25.26 1.62
C THR A 32 3.37 -25.28 0.08
N ASP A 33 2.51 -24.49 -0.59
CA ASP A 33 2.51 -24.48 -2.06
C ASP A 33 3.85 -24.06 -2.64
N ALA A 34 4.32 -24.82 -3.63
CA ALA A 34 5.57 -24.52 -4.32
C ALA A 34 5.33 -23.38 -5.29
N VAL A 35 6.24 -22.42 -5.28
CA VAL A 35 6.17 -21.26 -6.16
C VAL A 35 7.39 -21.09 -7.05
N THR A 36 7.19 -20.39 -8.16
CA THR A 36 8.23 -20.13 -9.17
C THR A 36 8.77 -18.69 -9.06
N GLN A 37 9.94 -18.42 -9.66
CA GLN A 37 10.41 -17.05 -9.73
C GLN A 37 9.40 -16.16 -10.47
N ASN A 38 8.78 -16.67 -11.51
CA ASN A 38 7.78 -15.84 -12.28
C ASN A 38 6.61 -15.37 -11.44
N GLU A 39 6.12 -16.28 -10.61
CA GLU A 39 5.17 -15.90 -9.57
C GLU A 39 5.67 -14.82 -8.59
N LEU A 40 6.88 -14.98 -8.10
CA LEU A 40 7.44 -14.01 -7.15
C LEU A 40 7.62 -12.64 -7.86
N ASN A 41 7.81 -12.63 -9.18
CA ASN A 41 8.07 -11.43 -9.96
C ASN A 41 6.81 -10.59 -10.00
N SER A 42 5.69 -11.23 -9.65
CA SER A 42 4.35 -10.59 -9.71
C SER A 42 4.06 -9.70 -8.52
N ILE A 43 4.90 -9.79 -7.49
CA ILE A 43 4.67 -9.00 -6.31
C ILE A 43 5.11 -7.55 -6.47
N ASP A 44 4.18 -6.61 -6.34
CA ASP A 44 4.46 -5.21 -6.59
C ASP A 44 4.46 -4.38 -5.31
N GLN A 45 3.84 -4.92 -4.25
CA GLN A 45 4.01 -4.31 -2.95
C GLN A 45 3.70 -5.33 -1.90
N ILE A 46 4.17 -5.03 -0.70
CA ILE A 46 3.96 -5.86 0.48
C ILE A 46 3.54 -4.88 1.60
N ILE A 47 2.42 -5.21 2.23
CA ILE A 47 1.80 -4.40 3.27
C ILE A 47 1.58 -5.36 4.41
N ALA A 48 2.51 -5.30 5.35
CA ALA A 48 2.55 -6.27 6.44
C ALA A 48 2.90 -5.62 7.74
N ASN A 49 2.12 -4.61 8.12
CA ASN A 49 2.32 -3.90 9.41
C ASN A 49 1.80 -4.74 10.51
N ASN A 50 2.33 -4.57 11.70
CA ASN A 50 1.87 -5.22 12.92
C ASN A 50 1.56 -6.69 12.78
N SER A 51 2.49 -7.44 12.19
CA SER A 51 2.30 -8.85 11.83
C SER A 51 3.21 -9.83 12.55
N ASP A 52 3.90 -9.36 13.60
CA ASP A 52 4.84 -10.23 14.38
C ASP A 52 5.95 -10.81 13.52
N ILE A 53 6.40 -10.07 12.49
CA ILE A 53 7.42 -10.59 11.61
C ILE A 53 8.78 -10.38 12.25
N LYS A 54 9.56 -11.46 12.37
CA LYS A 54 10.93 -11.38 12.98
C LYS A 54 12.04 -11.31 11.93
N SER A 55 11.74 -11.79 10.73
CA SER A 55 12.71 -11.89 9.67
C SER A 55 12.06 -11.72 8.31
N VAL A 56 12.67 -10.92 7.42
CA VAL A 56 12.20 -10.90 6.01
C VAL A 56 13.05 -11.70 5.05
N GLN A 57 13.78 -12.69 5.60
CA GLN A 57 14.56 -13.59 4.73
C GLN A 57 13.66 -14.12 3.60
N GLY A 58 14.13 -14.07 2.37
CA GLY A 58 13.34 -14.52 1.21
C GLY A 58 12.92 -13.32 0.39
N ILE A 59 12.79 -12.16 1.06
CA ILE A 59 12.35 -10.95 0.32
C ILE A 59 13.29 -10.56 -0.80
N GLN A 60 14.51 -11.05 -0.74
CA GLN A 60 15.43 -10.74 -1.80
C GLN A 60 15.03 -11.32 -3.17
N TYR A 61 14.07 -12.28 -3.18
CA TYR A 61 13.57 -12.88 -4.40
C TYR A 61 12.36 -12.16 -4.98
N LEU A 62 12.10 -10.96 -4.47
CA LEU A 62 10.96 -10.16 -4.92
C LEU A 62 11.43 -8.90 -5.67
N PRO A 63 11.95 -9.02 -6.92
CA PRO A 63 12.70 -7.86 -7.46
C PRO A 63 11.84 -6.65 -7.79
N ASN A 64 10.53 -6.87 -7.98
CA ASN A 64 9.61 -5.84 -8.42
C ASN A 64 8.84 -5.08 -7.36
N VAL A 65 9.12 -5.40 -6.11
CA VAL A 65 8.44 -4.69 -4.99
C VAL A 65 8.76 -3.24 -4.98
N ARG A 66 7.71 -2.41 -5.00
CA ARG A 66 7.78 -0.97 -5.02
C ARG A 66 7.43 -0.32 -3.65
N TYR A 67 6.38 -0.79 -3.01
CA TYR A 67 5.98 -0.26 -1.79
C TYR A 67 6.13 -1.38 -0.74
N LEU A 68 6.87 -1.11 0.34
CA LEU A 68 7.11 -2.07 1.41
C LEU A 68 6.80 -1.47 2.76
N ALA A 69 5.75 -1.98 3.45
CA ALA A 69 5.41 -1.43 4.73
C ALA A 69 5.52 -2.56 5.74
N LEU A 70 6.45 -2.38 6.66
CA LEU A 70 6.81 -3.39 7.66
C LEU A 70 6.76 -2.82 9.07
N GLY A 71 5.90 -1.81 9.27
CA GLY A 71 5.78 -1.11 10.58
C GLY A 71 5.34 -2.07 11.67
N GLY A 72 5.85 -1.83 12.87
CA GLY A 72 5.33 -2.50 14.06
C GLY A 72 5.69 -3.98 14.12
N ASN A 73 6.80 -4.40 13.51
CA ASN A 73 7.20 -5.82 13.63
C ASN A 73 8.38 -5.94 14.58
N LYS A 74 9.16 -6.99 14.47
CA LYS A 74 10.28 -7.20 15.39
C LYS A 74 11.58 -7.36 14.62
N LEU A 75 11.72 -6.58 13.56
CA LEU A 75 12.89 -6.71 12.68
C LEU A 75 14.14 -6.10 13.34
N HIS A 76 15.24 -6.85 13.21
CA HIS A 76 16.53 -6.40 13.73
C HIS A 76 17.59 -6.41 12.63
N ASP A 77 17.24 -6.93 11.46
CA ASP A 77 18.16 -7.02 10.34
C ASP A 77 17.40 -6.67 9.08
N ILE A 78 17.97 -5.82 8.20
CA ILE A 78 17.31 -5.58 6.90
C ILE A 78 18.25 -5.81 5.68
N SER A 79 19.30 -6.61 5.93
CA SER A 79 20.30 -7.08 4.94
C SER A 79 19.60 -7.51 3.66
N ALA A 80 18.48 -8.19 3.85
CA ALA A 80 17.80 -8.85 2.73
C ALA A 80 17.13 -7.85 1.80
N LEU A 81 17.03 -6.60 2.27
CA LEU A 81 16.45 -5.57 1.39
C LEU A 81 17.41 -4.96 0.40
N LYS A 82 18.69 -5.29 0.44
CA LYS A 82 19.63 -4.43 -0.24
C LYS A 82 19.47 -4.44 -1.81
N GLU A 83 18.91 -5.56 -2.30
CA GLU A 83 18.76 -5.84 -3.75
C GLU A 83 17.46 -5.34 -4.34
N LEU A 84 16.58 -4.78 -3.51
CA LEU A 84 15.19 -4.42 -3.96
C LEU A 84 15.22 -3.07 -4.65
N THR A 85 15.78 -3.08 -5.85
CA THR A 85 16.12 -1.86 -6.58
C THR A 85 14.91 -1.10 -7.02
N ASN A 86 13.71 -1.70 -7.00
CA ASN A 86 12.52 -0.96 -7.45
C ASN A 86 11.76 -0.28 -6.33
N LEU A 87 12.29 -0.41 -5.11
CA LEU A 87 11.58 0.17 -3.97
C LEU A 87 11.45 1.68 -4.04
N THR A 88 10.22 2.15 -3.82
CA THR A 88 9.99 3.61 -3.81
C THR A 88 9.55 4.09 -2.46
N TYR A 89 8.98 3.18 -1.66
CA TYR A 89 8.50 3.55 -0.28
C TYR A 89 8.94 2.46 0.65
N LEU A 90 9.65 2.81 1.73
CA LEU A 90 10.08 1.77 2.69
C LEU A 90 9.74 2.28 4.07
N ILE A 91 8.85 1.54 4.75
CA ILE A 91 8.29 1.98 6.01
C ILE A 91 8.71 0.93 7.05
N LEU A 92 9.64 1.32 7.91
CA LEU A 92 10.22 0.38 8.93
C LEU A 92 9.95 0.83 10.37
N THR A 93 8.93 1.67 10.53
CA THR A 93 8.54 2.18 11.83
C THR A 93 8.40 1.10 12.88
N GLY A 94 8.90 1.38 14.11
CA GLY A 94 8.56 0.54 15.23
C GLY A 94 9.11 -0.87 15.18
N ASN A 95 10.31 -1.03 14.64
CA ASN A 95 11.04 -2.29 14.67
C ASN A 95 12.19 -2.10 15.69
N GLN A 96 13.20 -2.94 15.59
CA GLN A 96 14.25 -3.00 16.61
C GLN A 96 15.61 -2.91 15.92
N LEU A 97 15.69 -2.09 14.86
CA LEU A 97 16.99 -1.84 14.21
C LEU A 97 17.88 -1.04 15.13
N GLN A 98 19.08 -1.57 15.36
CA GLN A 98 20.05 -0.83 16.22
C GLN A 98 21.13 -0.13 15.42
N SER A 99 21.30 -0.60 14.17
CA SER A 99 22.29 -0.04 13.27
C SER A 99 21.78 -0.14 11.84
N LEU A 100 22.41 0.60 10.92
CA LEU A 100 22.21 0.41 9.48
C LEU A 100 23.58 -0.01 8.94
N PRO A 101 23.68 -1.24 8.45
CA PRO A 101 25.01 -1.67 8.02
C PRO A 101 25.39 -0.79 6.84
N ASN A 102 26.69 -0.45 6.65
CA ASN A 102 27.13 0.49 5.57
C ASN A 102 26.72 -0.17 4.28
N GLY A 103 26.35 0.65 3.35
CA GLY A 103 25.90 0.06 2.10
C GLY A 103 24.50 -0.46 1.94
N VAL A 104 23.76 -0.65 3.03
CA VAL A 104 22.46 -1.34 2.94
C VAL A 104 21.51 -0.66 1.97
N PHE A 105 21.63 0.65 1.81
CA PHE A 105 20.64 1.33 0.96
C PHE A 105 21.21 1.72 -0.42
N ASP A 106 22.43 1.30 -0.71
CA ASP A 106 23.13 1.87 -1.89
C ASP A 106 22.43 1.55 -3.22
N LYS A 107 21.72 0.41 -3.26
CA LYS A 107 21.04 0.05 -4.54
C LYS A 107 19.59 0.56 -4.58
N LEU A 108 19.09 1.20 -3.50
CA LEU A 108 17.70 1.57 -3.43
C LEU A 108 17.47 2.98 -4.07
N THR A 109 17.93 3.15 -5.32
CA THR A 109 18.02 4.47 -5.96
C THR A 109 16.70 5.11 -6.33
N ASN A 110 15.65 4.33 -6.32
CA ASN A 110 14.31 4.86 -6.65
C ASN A 110 13.58 5.31 -5.34
N LEU A 111 14.22 5.14 -4.20
CA LEU A 111 13.44 5.43 -2.94
C LEU A 111 13.00 6.86 -2.85
N LYS A 112 11.68 7.07 -2.59
CA LYS A 112 11.17 8.40 -2.36
C LYS A 112 10.93 8.69 -0.89
N GLU A 113 10.52 7.68 -0.12
CA GLU A 113 10.24 7.98 1.27
C GLU A 113 10.90 6.85 2.08
N LEU A 114 11.67 7.22 3.13
CA LEU A 114 12.25 6.22 4.04
C LEU A 114 11.86 6.57 5.45
N VAL A 115 11.12 5.65 6.09
CA VAL A 115 10.52 5.94 7.41
C VAL A 115 11.16 4.98 8.41
N LEU A 116 12.03 5.52 9.28
CA LEU A 116 12.79 4.70 10.25
C LEU A 116 12.39 5.05 11.73
N VAL A 117 11.24 5.67 11.90
CA VAL A 117 10.73 6.13 13.18
C VAL A 117 10.69 5.00 14.20
N GLU A 118 11.03 5.33 15.45
CA GLU A 118 10.79 4.36 16.54
C GLU A 118 11.58 3.06 16.32
N ASN A 119 12.81 3.17 15.86
CA ASN A 119 13.75 2.09 15.99
C ASN A 119 14.72 2.46 17.14
N GLN A 120 15.90 1.83 17.18
CA GLN A 120 16.89 2.12 18.27
C GLN A 120 18.20 2.53 17.66
N LEU A 121 18.14 3.28 16.56
CA LEU A 121 19.41 3.59 15.85
C LEU A 121 20.29 4.52 16.72
N GLN A 122 21.54 4.12 16.94
CA GLN A 122 22.42 4.89 17.86
C GLN A 122 23.29 5.83 17.02
N SER A 123 23.65 5.34 15.85
CA SER A 123 24.54 6.09 14.99
C SER A 123 24.28 5.70 13.52
N LEU A 124 24.87 6.44 12.60
CA LEU A 124 24.70 6.18 11.19
C LEU A 124 26.10 6.14 10.61
N PRO A 125 26.36 5.23 9.67
CA PRO A 125 27.66 5.27 8.95
C PRO A 125 27.73 6.45 8.00
N ASP A 126 28.93 7.02 7.80
CA ASP A 126 29.11 8.04 6.77
C ASP A 126 28.57 7.54 5.42
N GLY A 127 27.86 8.42 4.77
CA GLY A 127 27.37 8.16 3.43
C GLY A 127 26.25 7.16 3.27
N VAL A 128 25.71 6.65 4.38
CA VAL A 128 24.61 5.70 4.32
C VAL A 128 23.44 6.06 3.37
N PHE A 129 23.11 7.36 3.21
CA PHE A 129 21.97 7.81 2.41
C PHE A 129 22.43 8.29 1.05
N ASP A 130 23.76 8.24 0.75
CA ASP A 130 24.28 8.99 -0.43
C ASP A 130 23.67 8.59 -1.80
N LYS A 131 23.21 7.34 -1.93
CA LYS A 131 22.66 6.90 -3.21
C LYS A 131 21.17 7.19 -3.36
N LEU A 132 20.57 7.76 -2.29
CA LEU A 132 19.09 7.98 -2.19
C LEU A 132 18.70 9.29 -2.79
N THR A 133 19.10 9.47 -4.06
CA THR A 133 19.06 10.79 -4.63
C THR A 133 17.61 11.27 -4.95
N ASN A 134 16.64 10.33 -5.06
CA ASN A 134 15.21 10.64 -5.31
C ASN A 134 14.43 10.81 -3.97
N LEU A 135 15.16 10.68 -2.82
CA LEU A 135 14.44 10.75 -1.52
C LEU A 135 13.81 12.12 -1.25
N THR A 136 12.51 12.11 -0.92
CA THR A 136 11.84 13.35 -0.56
C THR A 136 11.48 13.38 0.93
N TYR A 137 11.32 12.23 1.60
CA TYR A 137 10.87 12.29 2.99
C TYR A 137 11.81 11.34 3.69
N LEU A 138 12.52 11.84 4.73
CA LEU A 138 13.32 10.99 5.62
C LEU A 138 12.92 11.18 7.07
N ASN A 139 12.51 10.10 7.72
CA ASN A 139 12.02 10.22 9.08
C ASN A 139 12.81 9.33 9.99
N LEU A 140 13.60 9.98 10.85
CA LEU A 140 14.49 9.32 11.82
C LEU A 140 14.06 9.57 13.23
N ALA A 141 12.81 9.96 13.41
CA ALA A 141 12.36 10.37 14.75
C ALA A 141 12.29 9.18 15.70
N HIS A 142 12.43 9.49 17.00
CA HIS A 142 12.33 8.44 18.06
C HIS A 142 13.35 7.35 17.90
N ASN A 143 14.59 7.73 17.72
CA ASN A 143 15.67 6.82 17.68
C ASN A 143 16.57 7.24 18.83
N GLN A 144 17.80 6.82 18.79
CA GLN A 144 18.75 7.06 19.88
C GLN A 144 19.96 7.78 19.34
N LEU A 145 19.77 8.57 18.28
CA LEU A 145 20.96 9.15 17.65
C LEU A 145 21.63 10.18 18.50
N GLN A 146 22.94 10.03 18.68
CA GLN A 146 23.65 11.05 19.47
C GLN A 146 24.42 12.06 18.58
N SER A 147 24.61 11.69 17.32
CA SER A 147 25.31 12.54 16.42
C SER A 147 24.84 12.15 15.06
N LEU A 148 25.17 12.97 14.09
CA LEU A 148 25.05 12.66 12.66
C LEU A 148 26.46 12.68 11.99
N PRO A 149 26.67 11.88 10.91
CA PRO A 149 27.96 11.98 10.21
C PRO A 149 28.04 13.34 9.56
N LYS A 150 29.27 13.86 9.42
CA LYS A 150 29.47 15.07 8.64
C LYS A 150 29.02 14.73 7.24
N GLY A 151 28.21 15.57 6.73
CA GLY A 151 27.82 15.42 5.32
C GLY A 151 26.71 14.40 5.01
N VAL A 152 26.04 13.92 6.04
CA VAL A 152 25.14 12.79 5.82
C VAL A 152 23.93 13.06 4.88
N PHE A 153 23.52 14.32 4.75
CA PHE A 153 22.37 14.65 3.93
C PHE A 153 22.77 15.31 2.63
N ASP A 154 24.06 15.35 2.35
CA ASP A 154 24.52 16.22 1.27
C ASP A 154 24.03 15.84 -0.15
N LYS A 155 23.76 14.56 -0.34
CA LYS A 155 23.30 14.00 -1.63
C LYS A 155 21.77 14.06 -1.77
N LEU A 156 21.07 14.36 -0.67
CA LEU A 156 19.61 14.34 -0.66
C LEU A 156 18.99 15.65 -1.06
N THR A 157 19.34 16.15 -2.27
CA THR A 157 18.95 17.49 -2.67
C THR A 157 17.43 17.58 -2.92
N ASN A 158 16.77 16.45 -3.20
CA ASN A 158 15.30 16.41 -3.41
C ASN A 158 14.49 16.35 -2.10
N LEU A 159 15.21 16.38 -0.97
CA LEU A 159 14.48 16.19 0.32
C LEU A 159 13.55 17.39 0.65
N THR A 160 12.28 17.12 0.92
CA THR A 160 11.33 18.14 1.33
C THR A 160 10.93 18.08 2.80
N GLU A 161 11.02 16.91 3.43
CA GLU A 161 10.74 16.83 4.90
C GLU A 161 11.83 15.97 5.53
N LEU A 162 12.35 16.46 6.65
CA LEU A 162 13.32 15.70 7.45
C LEU A 162 12.94 15.81 8.90
N ASP A 163 12.81 14.66 9.52
CA ASP A 163 12.29 14.58 10.92
C ASP A 163 13.37 13.91 11.73
N LEU A 164 14.01 14.71 12.56
CA LEU A 164 15.03 14.19 13.52
C LEU A 164 14.57 14.23 14.95
N SER A 165 13.27 14.42 15.17
CA SER A 165 12.82 14.69 16.54
C SER A 165 12.98 13.47 17.46
N TYR A 166 13.09 13.73 18.80
CA TYR A 166 13.11 12.67 19.83
C TYR A 166 14.29 11.78 19.58
N ASN A 167 15.43 12.38 19.27
CA ASN A 167 16.71 11.65 19.38
C ASN A 167 17.49 12.27 20.54
N GLN A 168 18.80 11.98 20.63
CA GLN A 168 19.62 12.60 21.67
C GLN A 168 20.75 13.35 21.06
N LEU A 169 20.44 14.11 20.02
CA LEU A 169 21.53 14.76 19.28
C LEU A 169 22.21 15.77 20.17
N GLN A 170 23.53 15.66 20.22
CA GLN A 170 24.36 16.51 21.05
C GLN A 170 24.83 17.75 20.31
N SER A 171 24.87 17.64 18.99
CA SER A 171 25.39 18.75 18.13
C SER A 171 24.94 18.39 16.75
N LEU A 172 24.95 19.37 15.84
CA LEU A 172 24.77 19.14 14.40
C LEU A 172 26.11 19.37 13.72
N PRO A 173 26.45 18.59 12.71
CA PRO A 173 27.70 18.90 11.97
C PRO A 173 27.65 20.28 11.29
N GLU A 174 28.80 20.95 11.19
CA GLU A 174 28.89 22.18 10.39
C GLU A 174 28.46 21.86 8.95
N GLY A 175 27.61 22.71 8.42
CA GLY A 175 27.16 22.58 7.03
C GLY A 175 26.11 21.55 6.75
N VAL A 176 25.57 20.90 7.80
CA VAL A 176 24.82 19.64 7.59
C VAL A 176 23.59 19.81 6.73
N PHE A 177 23.05 21.01 6.70
CA PHE A 177 21.87 21.27 5.89
C PHE A 177 22.14 22.12 4.66
N ASP A 178 23.41 22.28 4.25
CA ASP A 178 23.71 23.22 3.17
C ASP A 178 23.15 22.80 1.82
N LYS A 179 22.93 21.52 1.55
CA LYS A 179 22.52 21.12 0.20
C LYS A 179 21.00 21.04 0.10
N LEU A 180 20.33 21.17 1.23
CA LEU A 180 18.87 20.90 1.32
C LEU A 180 17.97 22.07 0.88
N THR A 181 18.20 22.54 -0.35
CA THR A 181 17.55 23.78 -0.78
C THR A 181 16.06 23.61 -1.04
N GLN A 182 15.57 22.36 -1.09
CA GLN A 182 14.14 22.09 -1.27
C GLN A 182 13.42 21.78 0.04
N LEU A 183 14.17 21.78 1.14
CA LEU A 183 13.56 21.29 2.42
C LEU A 183 12.49 22.31 2.88
N LYS A 184 11.28 21.81 3.12
CA LYS A 184 10.19 22.64 3.60
C LYS A 184 9.90 22.51 5.08
N ASP A 185 10.19 21.32 5.65
CA ASP A 185 9.78 20.97 7.02
C ASP A 185 10.93 20.26 7.72
N LEU A 186 11.46 20.85 8.79
CA LEU A 186 12.59 20.36 9.52
C LEU A 186 12.21 20.28 11.03
N ARG A 187 12.28 19.06 11.58
CA ARG A 187 11.95 18.80 13.01
C ARG A 187 13.16 18.41 13.82
N LEU A 188 13.52 19.28 14.75
CA LEU A 188 14.66 18.99 15.64
C LEU A 188 14.24 18.92 17.10
N TYR A 189 12.95 18.99 17.36
CA TYR A 189 12.48 19.05 18.74
C TYR A 189 12.79 17.80 19.54
N GLN A 190 12.92 18.02 20.85
CA GLN A 190 13.22 16.87 21.79
C GLN A 190 14.55 16.21 21.42
N ASN A 191 15.63 16.98 21.45
CA ASN A 191 16.95 16.43 21.31
C ASN A 191 17.72 16.98 22.47
N GLN A 192 19.04 16.85 22.46
CA GLN A 192 19.86 17.39 23.55
C GLN A 192 20.74 18.51 22.99
N LEU A 193 20.22 19.28 22.03
CA LEU A 193 21.09 20.35 21.41
C LEU A 193 21.31 21.52 22.33
N LYS A 194 22.56 21.88 22.50
CA LYS A 194 22.93 23.10 23.26
C LYS A 194 23.12 24.29 22.33
N SER A 195 23.44 23.94 21.07
CA SER A 195 23.77 24.96 20.06
C SER A 195 23.51 24.39 18.66
N VAL A 196 23.54 25.30 17.67
CA VAL A 196 23.62 24.92 16.24
C VAL A 196 24.80 25.61 15.63
N PRO A 197 25.33 25.05 14.51
CA PRO A 197 26.44 25.73 13.90
C PRO A 197 26.07 27.08 13.33
N ASP A 198 27.03 28.01 13.33
CA ASP A 198 26.70 29.33 12.71
C ASP A 198 26.31 29.15 11.23
N GLY A 199 25.21 29.80 10.80
CA GLY A 199 24.83 29.77 9.37
C GLY A 199 24.10 28.48 9.02
N VAL A 200 23.79 27.65 10.02
CA VAL A 200 23.32 26.28 9.66
C VAL A 200 22.02 26.20 8.86
N PHE A 201 21.16 27.21 8.96
CA PHE A 201 19.90 27.25 8.22
C PHE A 201 20.00 28.14 7.00
N ASP A 202 21.20 28.64 6.71
CA ASP A 202 21.23 29.73 5.70
C ASP A 202 20.89 29.40 4.25
N ARG A 203 20.99 28.12 3.86
CA ARG A 203 20.78 27.71 2.49
C ARG A 203 19.38 27.12 2.35
N LEU A 204 18.62 27.07 3.47
CA LEU A 204 17.27 26.48 3.48
C LEU A 204 16.19 27.40 2.88
N THR A 205 16.39 27.67 1.59
CA THR A 205 15.60 28.68 0.86
C THR A 205 14.13 28.31 0.75
N SER A 206 13.76 27.04 0.94
CA SER A 206 12.35 26.64 0.79
C SER A 206 11.66 26.37 2.14
N LEU A 207 12.40 26.61 3.25
CA LEU A 207 11.92 26.16 4.56
C LEU A 207 10.67 26.95 5.00
N GLN A 208 9.60 26.24 5.32
CA GLN A 208 8.36 26.84 5.75
C GLN A 208 8.03 26.55 7.25
N TYR A 209 8.58 25.46 7.78
CA TYR A 209 8.23 25.02 9.16
C TYR A 209 9.45 24.45 9.82
N ILE A 210 9.75 24.89 11.04
CA ILE A 210 10.87 24.28 11.81
C ILE A 210 10.40 24.12 13.25
N TRP A 211 10.83 23.02 13.88
CA TRP A 211 10.54 22.78 15.33
C TRP A 211 11.86 22.70 16.11
N LEU A 212 12.01 23.53 17.14
CA LEU A 212 13.31 23.67 17.83
C LEU A 212 13.14 23.44 19.28
N HIS A 213 11.87 23.35 19.69
CA HIS A 213 11.51 23.21 21.11
C HIS A 213 12.05 22.00 21.83
N ASP A 214 12.05 22.07 23.15
CA ASP A 214 12.56 20.90 23.94
C ASP A 214 13.99 20.51 23.60
N ASN A 215 14.83 21.53 23.45
CA ASN A 215 16.31 21.35 23.45
C ASN A 215 16.82 22.27 24.53
N PRO A 216 17.85 21.83 25.25
CA PRO A 216 18.44 22.61 26.34
C PRO A 216 19.45 23.68 25.79
N TRP A 217 18.92 24.66 25.07
CA TRP A 217 19.74 25.64 24.36
C TRP A 217 20.58 26.40 25.40
N ASP A 218 21.86 26.53 25.12
CA ASP A 218 22.84 27.28 25.94
C ASP A 218 22.87 28.73 25.50
N CYS A 219 22.25 29.59 26.30
CA CYS A 219 22.16 31.00 25.89
C CYS A 219 23.36 31.87 26.26
N THR A 220 24.49 31.26 26.56
CA THR A 220 25.69 32.04 26.83
C THR A 220 26.12 32.82 25.57
N CYS A 221 26.55 34.05 25.80
CA CYS A 221 27.07 34.87 24.72
C CYS A 221 28.54 34.66 24.52
N PRO A 222 28.99 34.77 23.27
CA PRO A 222 28.26 35.14 22.05
C PRO A 222 27.70 33.95 21.24
N GLY A 223 27.87 32.73 21.77
CA GLY A 223 27.54 31.51 21.05
C GLY A 223 26.10 31.53 20.51
N ILE A 224 25.19 32.10 21.27
CA ILE A 224 23.74 32.00 20.94
C ILE A 224 23.31 33.02 19.84
N ARG A 225 24.23 33.88 19.41
CA ARG A 225 23.84 35.02 18.56
C ARG A 225 23.15 34.56 17.28
N TYR A 226 23.76 33.58 16.58
CA TYR A 226 23.17 33.17 15.32
C TYR A 226 21.74 32.65 15.45
N LEU A 227 21.54 31.76 16.40
CA LEU A 227 20.23 31.18 16.58
C LEU A 227 19.20 32.26 16.97
N SER A 228 19.60 33.17 17.85
CA SER A 228 18.66 34.17 18.32
C SER A 228 18.23 35.05 17.13
N GLU A 229 19.21 35.45 16.34
CA GLU A 229 19.00 36.33 15.20
C GLU A 229 18.15 35.62 14.15
N TRP A 230 18.44 34.33 13.96
CA TRP A 230 17.72 33.59 12.94
C TRP A 230 16.28 33.45 13.29
N ILE A 231 15.99 33.14 14.55
CA ILE A 231 14.59 33.00 15.00
C ILE A 231 13.87 34.33 14.84
N ASN A 232 14.50 35.44 15.23
CA ASN A 232 13.81 36.70 15.00
C ASN A 232 13.51 37.07 13.56
N LYS A 233 14.44 36.73 12.68
CA LYS A 233 14.29 36.99 11.25
C LYS A 233 13.19 36.09 10.62
N HIS A 234 13.01 34.89 11.20
CA HIS A 234 12.11 33.89 10.62
C HIS A 234 11.04 33.44 11.59
N SER A 235 10.48 34.37 12.32
CA SER A 235 9.72 33.98 13.51
C SER A 235 8.45 33.14 13.17
N GLY A 236 7.88 33.42 12.00
CA GLY A 236 6.71 32.68 11.48
C GLY A 236 6.97 31.22 11.12
N VAL A 237 8.25 30.88 10.95
CA VAL A 237 8.67 29.52 10.56
C VAL A 237 8.67 28.56 11.76
N VAL A 238 8.86 29.09 12.96
CA VAL A 238 9.02 28.23 14.16
C VAL A 238 7.65 27.80 14.73
N ARG A 239 7.50 26.50 14.96
CA ARG A 239 6.21 25.94 15.41
C ARG A 239 6.40 25.22 16.74
N ASN A 240 5.36 25.22 17.57
CA ASN A 240 5.39 24.32 18.75
C ASN A 240 4.76 22.97 18.56
N SER A 241 4.72 22.14 19.63
CA SER A 241 4.11 20.81 19.43
C SER A 241 2.63 20.86 19.09
N ALA A 242 1.91 21.87 19.59
CA ALA A 242 0.47 22.03 19.20
C ALA A 242 0.32 22.43 17.72
N GLY A 243 1.44 22.79 17.10
CA GLY A 243 1.43 23.11 15.67
C GLY A 243 1.19 24.61 15.45
N SER A 244 1.24 25.37 16.54
CA SER A 244 1.09 26.79 16.32
C SER A 244 2.38 27.55 16.15
N VAL A 245 2.29 28.75 15.55
CA VAL A 245 3.44 29.55 15.35
C VAL A 245 3.93 29.93 16.72
N ALA A 246 5.21 29.68 17.01
CA ALA A 246 5.68 29.85 18.39
C ALA A 246 7.16 30.12 18.40
N PRO A 247 7.59 31.30 17.93
CA PRO A 247 9.05 31.51 18.00
C PRO A 247 9.66 31.51 19.42
N ASP A 248 8.87 31.78 20.47
CA ASP A 248 9.42 31.74 21.83
C ASP A 248 9.60 30.34 22.38
N SER A 249 9.29 29.30 21.59
CA SER A 249 9.30 27.93 22.10
C SER A 249 10.72 27.38 22.15
N ALA A 250 11.68 28.02 21.49
CA ALA A 250 13.12 27.72 21.77
C ALA A 250 13.55 28.43 23.06
N LYS A 251 13.82 27.67 24.13
CA LYS A 251 14.06 28.27 25.45
C LYS A 251 15.48 28.07 25.93
N CYS A 252 16.01 29.08 26.63
CA CYS A 252 17.31 28.97 27.34
C CYS A 252 17.27 27.98 28.49
N SER A 253 18.21 27.03 28.56
CA SER A 253 18.13 26.03 29.62
C SER A 253 18.44 26.80 30.87
N GLY A 254 17.94 26.43 32.02
CA GLY A 254 18.45 27.32 33.09
C GLY A 254 17.74 28.68 33.31
N SER A 255 17.83 29.73 32.46
CA SER A 255 16.86 30.89 32.65
C SER A 255 15.39 30.61 32.28
N GLY A 256 15.19 29.77 31.27
CA GLY A 256 13.88 29.43 30.75
C GLY A 256 13.30 30.51 29.84
N LYS A 257 14.05 31.59 29.65
CA LYS A 257 13.52 32.59 28.75
C LYS A 257 13.76 32.23 27.27
N PRO A 258 13.05 32.92 26.38
CA PRO A 258 13.20 32.58 24.95
C PRO A 258 14.56 32.90 24.41
N VAL A 259 15.15 31.93 23.69
CA VAL A 259 16.40 32.15 22.99
C VAL A 259 16.39 33.49 22.20
N ARG A 260 15.26 33.76 21.56
CA ARG A 260 15.20 34.95 20.66
C ARG A 260 15.22 36.31 21.39
N SER A 261 15.09 36.28 22.73
CA SER A 261 15.12 37.48 23.61
C SER A 261 16.55 37.86 23.92
N ILE A 262 17.52 37.02 23.53
CA ILE A 262 18.93 37.28 24.00
C ILE A 262 19.72 38.04 22.93
N ILE A 263 20.33 39.17 23.30
CA ILE A 263 21.12 39.99 22.40
C ILE A 263 22.51 39.97 23.01
N CYS A 264 23.43 39.36 22.30
CA CYS A 264 24.82 39.32 22.82
C CYS A 264 25.57 40.66 22.60
N THR B 2 -7.06 19.06 -14.44
CA THR B 2 -5.90 19.75 -13.74
C THR B 2 -6.39 20.81 -12.75
N ILE B 3 -5.70 20.93 -11.62
CA ILE B 3 -5.88 22.06 -10.71
C ILE B 3 -4.96 23.12 -11.28
N THR B 4 -5.52 24.24 -11.68
CA THR B 4 -4.73 25.21 -12.47
C THR B 4 -4.16 26.33 -11.63
N VAL B 5 -4.71 26.47 -10.43
CA VAL B 5 -4.30 27.50 -9.46
C VAL B 5 -4.25 26.80 -8.09
N SER B 6 -3.22 27.08 -7.27
CA SER B 6 -3.16 26.39 -5.95
C SER B 6 -4.49 26.55 -5.18
N THR B 7 -4.91 25.49 -4.48
CA THR B 7 -6.26 25.39 -3.95
C THR B 7 -6.15 24.59 -2.66
N PRO B 8 -6.89 25.02 -1.62
CA PRO B 8 -6.91 24.30 -0.33
C PRO B 8 -7.25 22.84 -0.52
N ILE B 9 -6.54 21.95 0.19
CA ILE B 9 -6.84 20.49 0.08
C ILE B 9 -8.38 20.29 0.27
N LYS B 10 -8.92 20.91 1.31
CA LYS B 10 -10.29 20.58 1.74
C LYS B 10 -11.35 21.09 0.72
N GLN B 11 -10.92 21.99 -0.13
CA GLN B 11 -11.81 22.41 -1.23
C GLN B 11 -11.80 21.39 -2.33
N ILE B 12 -10.63 20.83 -2.64
CA ILE B 12 -10.51 19.79 -3.66
C ILE B 12 -11.16 18.48 -3.19
N PHE B 13 -10.93 18.18 -1.94
CA PHE B 13 -11.32 16.88 -1.36
C PHE B 13 -12.29 17.21 -0.23
N PRO B 14 -13.60 17.25 -0.53
CA PRO B 14 -14.46 17.82 0.52
C PRO B 14 -14.77 16.90 1.68
N ASP B 15 -14.58 15.59 1.48
CA ASP B 15 -14.81 14.64 2.56
C ASP B 15 -13.84 14.91 3.72
N ASP B 16 -14.32 15.09 4.95
CA ASP B 16 -13.39 15.30 6.09
C ASP B 16 -12.28 14.28 6.23
N ALA B 17 -12.64 13.02 6.20
CA ALA B 17 -11.64 11.97 6.41
C ALA B 17 -10.71 11.81 5.22
N PHE B 18 -11.24 11.95 4.02
CA PHE B 18 -10.34 11.83 2.82
C PHE B 18 -9.39 13.02 2.71
N ALA B 19 -9.89 14.22 3.00
CA ALA B 19 -8.99 15.41 3.00
C ALA B 19 -7.79 15.16 3.92
N GLU B 20 -8.03 14.56 5.06
CA GLU B 20 -6.96 14.29 6.04
C GLU B 20 -6.02 13.23 5.52
N THR B 21 -6.60 12.23 4.85
CA THR B 21 -5.77 11.21 4.16
C THR B 21 -4.84 11.87 3.14
N ILE B 22 -5.36 12.82 2.35
CA ILE B 22 -4.55 13.50 1.34
C ILE B 22 -3.47 14.35 2.04
N LYS B 23 -3.89 15.08 3.08
CA LYS B 23 -2.95 15.92 3.85
C LYS B 23 -1.75 15.10 4.37
N ALA B 24 -2.02 13.92 4.96
CA ALA B 24 -0.95 13.08 5.51
C ALA B 24 0.02 12.55 4.42
N ASN B 25 -0.58 12.18 3.28
CA ASN B 25 0.19 11.60 2.17
C ASN B 25 1.12 12.67 1.64
N LEU B 26 0.64 13.92 1.57
CA LEU B 26 1.43 15.06 1.03
C LEU B 26 2.39 15.66 2.08
N LYS B 27 2.28 15.17 3.31
CA LYS B 27 2.87 15.83 4.54
C LYS B 27 2.69 17.30 4.66
N LYS B 28 1.47 17.73 4.39
CA LYS B 28 1.04 19.09 4.64
C LYS B 28 0.61 19.14 6.09
N LYS B 29 0.48 20.33 6.66
CA LYS B 29 0.21 20.39 8.10
C LYS B 29 -1.25 20.73 8.43
N SER B 30 -2.00 21.13 7.41
CA SER B 30 -3.44 21.43 7.54
C SER B 30 -4.23 21.13 6.25
N VAL B 31 -5.49 20.72 6.40
CA VAL B 31 -6.38 20.54 5.24
C VAL B 31 -6.70 21.89 4.60
N THR B 32 -6.34 22.98 5.27
CA THR B 32 -6.62 24.25 4.70
C THR B 32 -5.38 24.65 3.86
N ASP B 33 -4.29 23.91 3.96
CA ASP B 33 -3.16 24.32 3.08
C ASP B 33 -3.46 24.23 1.56
N ALA B 34 -3.03 25.25 0.80
CA ALA B 34 -3.27 25.22 -0.64
C ALA B 34 -2.24 24.30 -1.29
N VAL B 35 -2.66 23.55 -2.29
CA VAL B 35 -1.74 22.67 -2.98
C VAL B 35 -1.80 22.88 -4.48
N THR B 36 -0.72 22.52 -5.14
CA THR B 36 -0.73 22.62 -6.60
C THR B 36 -0.83 21.25 -7.25
N GLN B 37 -1.03 21.29 -8.57
CA GLN B 37 -1.18 20.02 -9.31
C GLN B 37 0.17 19.29 -9.24
N ASN B 38 1.29 20.04 -9.30
CA ASN B 38 2.56 19.32 -9.14
C ASN B 38 2.64 18.51 -7.84
N GLU B 39 2.12 19.07 -6.74
CA GLU B 39 2.10 18.32 -5.47
C GLU B 39 1.17 17.12 -5.57
N LEU B 40 0.00 17.30 -6.15
CA LEU B 40 -0.94 16.14 -6.40
C LEU B 40 -0.34 15.01 -7.24
N ASN B 41 0.53 15.39 -8.17
CA ASN B 41 1.21 14.43 -9.00
C ASN B 41 2.11 13.46 -8.23
N SER B 42 2.48 13.88 -7.01
CA SER B 42 3.47 13.13 -6.23
C SER B 42 2.83 11.94 -5.53
N ILE B 43 1.50 11.91 -5.49
CA ILE B 43 0.78 10.80 -4.85
C ILE B 43 0.77 9.49 -5.70
N ASP B 44 1.39 8.45 -5.16
CA ASP B 44 1.62 7.21 -5.89
C ASP B 44 0.72 6.09 -5.37
N GLN B 45 0.28 6.22 -4.12
CA GLN B 45 -0.65 5.22 -3.57
C GLN B 45 -1.48 5.86 -2.48
N ILE B 46 -2.67 5.31 -2.27
CA ILE B 46 -3.49 5.75 -1.17
C ILE B 46 -3.92 4.48 -0.45
N ILE B 47 -3.62 4.46 0.82
CA ILE B 47 -4.04 3.37 1.68
C ILE B 47 -4.88 3.98 2.75
N ALA B 48 -6.19 3.82 2.62
CA ALA B 48 -7.14 4.44 3.52
C ALA B 48 -8.26 3.50 3.80
N ASN B 49 -7.93 2.32 4.29
CA ASN B 49 -8.98 1.38 4.65
C ASN B 49 -9.59 1.84 5.95
N ASN B 50 -10.89 1.52 6.14
CA ASN B 50 -11.55 1.64 7.48
C ASN B 50 -11.42 3.04 8.06
N SER B 51 -11.57 4.07 7.20
CA SER B 51 -11.26 5.43 7.53
C SER B 51 -12.46 6.36 7.61
N ASP B 52 -13.65 5.78 7.60
CA ASP B 52 -14.87 6.53 7.52
C ASP B 52 -15.00 7.52 6.36
N ILE B 53 -14.48 7.15 5.20
CA ILE B 53 -14.57 7.98 4.02
C ILE B 53 -15.92 7.85 3.36
N LYS B 54 -16.61 8.98 3.16
CA LYS B 54 -17.97 8.94 2.57
C LYS B 54 -17.95 9.34 1.08
N SER B 55 -16.90 10.03 0.65
CA SER B 55 -16.75 10.44 -0.77
C SER B 55 -15.25 10.57 -1.10
N VAL B 56 -14.90 10.17 -2.32
CA VAL B 56 -13.55 10.40 -2.81
C VAL B 56 -13.52 11.47 -3.90
N GLN B 57 -14.51 12.35 -3.89
CA GLN B 57 -14.46 13.53 -4.74
C GLN B 57 -13.14 14.25 -4.57
N GLY B 58 -12.54 14.62 -5.70
CA GLY B 58 -11.19 15.15 -5.79
C GLY B 58 -10.12 14.18 -6.23
N ILE B 59 -10.35 12.88 -6.05
CA ILE B 59 -9.35 11.89 -6.44
C ILE B 59 -9.02 11.94 -7.95
N GLN B 60 -9.95 12.50 -8.75
CA GLN B 60 -9.74 12.58 -10.21
C GLN B 60 -8.55 13.52 -10.56
N TYR B 61 -8.05 14.24 -9.57
CA TYR B 61 -6.84 15.05 -9.74
C TYR B 61 -5.50 14.37 -9.34
N LEU B 62 -5.51 13.05 -9.16
CA LEU B 62 -4.29 12.31 -8.73
C LEU B 62 -3.90 11.34 -9.89
N PRO B 63 -3.29 11.87 -10.98
CA PRO B 63 -3.10 11.07 -12.18
C PRO B 63 -2.13 9.90 -11.96
N ASN B 64 -1.33 9.94 -10.88
CA ASN B 64 -0.25 8.93 -10.70
C ASN B 64 -0.52 7.82 -9.69
N VAL B 65 -1.73 7.79 -9.15
CA VAL B 65 -2.06 6.79 -8.17
C VAL B 65 -2.03 5.41 -8.85
N ARG B 66 -1.19 4.55 -8.29
CA ARG B 66 -0.97 3.18 -8.73
C ARG B 66 -1.76 2.16 -7.91
N TYR B 67 -1.75 2.35 -6.59
CA TYR B 67 -2.39 1.38 -5.66
C TYR B 67 -3.38 2.19 -4.85
N LEU B 68 -4.65 1.76 -4.81
CA LEU B 68 -5.71 2.46 -4.09
C LEU B 68 -6.45 1.46 -3.26
N ALA B 69 -6.31 1.57 -1.94
CA ALA B 69 -7.05 0.68 -1.03
C ALA B 69 -8.04 1.53 -0.25
N LEU B 70 -9.32 1.28 -0.44
CA LEU B 70 -10.43 2.03 0.16
C LEU B 70 -11.42 1.11 0.81
N GLY B 71 -10.92 -0.02 1.29
CA GLY B 71 -11.90 -1.00 1.81
C GLY B 71 -12.48 -0.51 3.14
N GLY B 72 -13.74 -0.88 3.40
CA GLY B 72 -14.41 -0.66 4.64
C GLY B 72 -14.72 0.77 4.99
N ASN B 73 -14.95 1.55 3.95
CA ASN B 73 -15.38 2.93 4.11
C ASN B 73 -16.90 3.01 3.94
N LYS B 74 -17.41 4.18 3.58
CA LYS B 74 -18.85 4.41 3.44
C LYS B 74 -19.16 4.92 2.06
N LEU B 75 -18.40 4.44 1.05
CA LEU B 75 -18.61 4.99 -0.31
C LEU B 75 -19.87 4.40 -0.95
N HIS B 76 -20.66 5.27 -1.59
CA HIS B 76 -21.77 4.82 -2.45
C HIS B 76 -21.54 5.20 -3.93
N ASP B 77 -20.50 6.01 -4.17
CA ASP B 77 -20.20 6.49 -5.53
C ASP B 77 -18.70 6.37 -5.82
N ILE B 78 -18.33 5.79 -6.96
CA ILE B 78 -16.89 5.73 -7.36
C ILE B 78 -16.69 6.40 -8.73
N SER B 79 -17.65 7.21 -9.18
CA SER B 79 -17.45 8.02 -10.42
C SER B 79 -16.11 8.72 -10.56
N ALA B 80 -15.64 9.28 -9.47
CA ALA B 80 -14.40 10.01 -9.51
C ALA B 80 -13.12 9.15 -9.79
N LEU B 81 -13.20 7.84 -9.65
CA LEU B 81 -12.06 6.96 -9.98
C LEU B 81 -11.80 6.83 -11.47
N LYS B 82 -12.76 7.27 -12.29
CA LYS B 82 -12.73 6.90 -13.70
C LYS B 82 -11.47 7.50 -14.37
N GLU B 83 -10.85 8.55 -13.77
CA GLU B 83 -9.74 9.18 -14.43
C GLU B 83 -8.34 8.63 -14.00
N LEU B 84 -8.33 7.58 -13.17
CA LEU B 84 -7.10 7.07 -12.56
C LEU B 84 -6.42 6.04 -13.46
N THR B 85 -5.86 6.55 -14.58
CA THR B 85 -5.35 5.72 -15.68
C THR B 85 -4.09 4.94 -15.36
N ASN B 86 -3.42 5.27 -14.25
CA ASN B 86 -2.22 4.59 -13.85
C ASN B 86 -2.49 3.55 -12.76
N LEU B 87 -3.77 3.33 -12.46
CA LEU B 87 -4.08 2.42 -11.33
C LEU B 87 -3.78 0.98 -11.75
N THR B 88 -3.15 0.23 -10.83
CA THR B 88 -2.98 -1.17 -11.09
C THR B 88 -3.60 -2.06 -10.04
N TYR B 89 -3.88 -1.55 -8.84
CA TYR B 89 -4.54 -2.33 -7.75
C TYR B 89 -5.69 -1.47 -7.23
N LEU B 90 -6.92 -1.98 -7.28
CA LEU B 90 -8.07 -1.23 -6.71
C LEU B 90 -8.86 -2.13 -5.73
N ILE B 91 -8.91 -1.71 -4.49
CA ILE B 91 -9.55 -2.48 -3.41
C ILE B 91 -10.68 -1.65 -2.84
N LEU B 92 -11.90 -2.11 -3.11
CA LEU B 92 -13.15 -1.41 -2.73
C LEU B 92 -14.00 -2.25 -1.80
N THR B 93 -13.42 -3.30 -1.27
CA THR B 93 -14.16 -4.22 -0.31
C THR B 93 -14.95 -3.49 0.75
N GLY B 94 -16.19 -3.91 0.94
CA GLY B 94 -16.97 -3.45 2.11
C GLY B 94 -17.44 -2.02 2.12
N ASN B 95 -17.67 -1.44 0.94
CA ASN B 95 -18.34 -0.17 0.84
C ASN B 95 -19.81 -0.41 0.58
N GLN B 96 -20.57 0.60 0.11
CA GLN B 96 -22.05 0.38 -0.10
C GLN B 96 -22.42 0.75 -1.48
N LEU B 97 -21.62 0.24 -2.41
CA LEU B 97 -21.91 0.39 -3.80
C LEU B 97 -22.99 -0.69 -4.09
N GLN B 98 -23.98 -0.19 -4.77
CA GLN B 98 -25.16 -0.89 -5.13
C GLN B 98 -25.13 -1.10 -6.61
N SER B 99 -24.36 -0.26 -7.29
CA SER B 99 -24.26 -0.37 -8.74
C SER B 99 -22.90 0.21 -9.16
N LEU B 100 -22.46 -0.10 -10.39
CA LEU B 100 -21.25 0.43 -10.98
C LEU B 100 -21.72 1.27 -12.19
N PRO B 101 -21.25 2.51 -12.33
CA PRO B 101 -21.62 3.28 -13.55
C PRO B 101 -21.17 2.57 -14.81
N ASN B 102 -21.96 2.65 -15.90
CA ASN B 102 -21.49 2.22 -17.20
C ASN B 102 -20.19 2.99 -17.41
N GLY B 103 -19.18 2.23 -17.79
CA GLY B 103 -17.89 2.78 -18.24
C GLY B 103 -16.88 3.12 -17.18
N VAL B 104 -17.20 2.90 -15.89
CA VAL B 104 -16.36 3.43 -14.84
C VAL B 104 -14.90 2.95 -14.86
N PHE B 105 -14.67 1.72 -15.35
CA PHE B 105 -13.31 1.20 -15.39
C PHE B 105 -12.66 1.37 -16.75
N ASP B 106 -13.34 2.01 -17.69
CA ASP B 106 -12.83 1.95 -19.07
C ASP B 106 -11.42 2.48 -19.26
N LYS B 107 -11.10 3.53 -18.49
CA LYS B 107 -9.76 4.16 -18.58
C LYS B 107 -8.64 3.48 -17.75
N LEU B 108 -9.05 2.53 -16.93
CA LEU B 108 -8.13 1.89 -15.96
C LEU B 108 -7.41 0.70 -16.64
N THR B 109 -6.80 0.97 -17.78
CA THR B 109 -6.39 -0.13 -18.70
C THR B 109 -5.25 -0.94 -18.10
N ASN B 110 -4.57 -0.43 -17.10
CA ASN B 110 -3.44 -1.12 -16.53
C ASN B 110 -3.81 -1.90 -15.28
N LEU B 111 -5.10 -1.99 -14.97
CA LEU B 111 -5.50 -2.66 -13.68
C LEU B 111 -5.11 -4.06 -13.68
N LYS B 112 -4.47 -4.49 -12.58
CA LYS B 112 -4.08 -5.89 -12.37
C LYS B 112 -5.01 -6.64 -11.42
N GLU B 113 -5.47 -5.96 -10.36
CA GLU B 113 -6.33 -6.59 -9.34
C GLU B 113 -7.45 -5.66 -9.06
N LEU B 114 -8.67 -6.22 -9.08
CA LEU B 114 -9.87 -5.44 -8.80
C LEU B 114 -10.69 -6.23 -7.77
N VAL B 115 -10.94 -5.60 -6.64
CA VAL B 115 -11.57 -6.26 -5.50
C VAL B 115 -12.87 -5.48 -5.13
N LEU B 116 -14.00 -6.15 -5.38
CA LEU B 116 -15.32 -5.48 -5.19
C LEU B 116 -16.18 -6.20 -4.19
N VAL B 117 -15.50 -6.98 -3.35
CA VAL B 117 -16.16 -7.81 -2.31
C VAL B 117 -17.09 -7.01 -1.38
N GLU B 118 -18.20 -7.63 -0.98
CA GLU B 118 -19.03 -7.01 0.11
C GLU B 118 -19.44 -5.61 -0.23
N ASN B 119 -20.00 -5.48 -1.42
CA ASN B 119 -20.69 -4.37 -1.71
C ASN B 119 -22.11 -5.11 -1.74
N GLN B 120 -22.98 -4.43 -2.38
CA GLN B 120 -24.33 -4.81 -2.47
C GLN B 120 -24.61 -4.67 -3.93
N LEU B 121 -23.65 -5.13 -4.75
CA LEU B 121 -23.83 -4.99 -6.22
C LEU B 121 -24.95 -5.90 -6.69
N GLN B 122 -25.93 -5.26 -7.36
CA GLN B 122 -27.05 -5.99 -7.88
C GLN B 122 -26.84 -6.59 -9.27
N SER B 123 -26.08 -5.93 -10.14
CA SER B 123 -25.79 -6.49 -11.46
C SER B 123 -24.42 -5.95 -11.95
N LEU B 124 -23.97 -6.42 -13.12
CA LEU B 124 -22.76 -5.89 -13.72
C LEU B 124 -23.18 -5.27 -15.02
N PRO B 125 -22.77 -4.01 -15.25
CA PRO B 125 -23.13 -3.45 -16.54
C PRO B 125 -22.49 -4.24 -17.67
N ASP B 126 -23.24 -4.46 -18.77
CA ASP B 126 -22.63 -5.02 -20.03
C ASP B 126 -21.29 -4.28 -20.30
N GLY B 127 -20.26 -5.08 -20.57
CA GLY B 127 -18.94 -4.51 -20.95
C GLY B 127 -18.14 -3.85 -19.85
N VAL B 128 -18.59 -3.96 -18.61
CA VAL B 128 -17.90 -3.21 -17.55
C VAL B 128 -16.42 -3.52 -17.42
N PHE B 129 -15.99 -4.76 -17.71
CA PHE B 129 -14.56 -5.09 -17.57
C PHE B 129 -13.81 -5.22 -18.91
N ASP B 130 -14.45 -4.79 -20.00
CA ASP B 130 -13.84 -5.01 -21.35
C ASP B 130 -12.51 -4.39 -21.60
N LYS B 131 -12.20 -3.29 -20.91
CA LYS B 131 -10.93 -2.61 -21.19
C LYS B 131 -9.82 -3.07 -20.26
N LEU B 132 -10.09 -4.07 -19.40
CA LEU B 132 -9.13 -4.41 -18.29
C LEU B 132 -8.35 -5.63 -18.77
N THR B 133 -7.65 -5.46 -19.89
CA THR B 133 -7.07 -6.66 -20.55
C THR B 133 -5.86 -7.21 -19.78
N ASN B 134 -5.29 -6.41 -18.88
CA ASN B 134 -4.20 -6.85 -18.00
C ASN B 134 -4.66 -7.44 -16.66
N LEU B 135 -5.97 -7.54 -16.47
CA LEU B 135 -6.43 -7.94 -15.11
C LEU B 135 -6.04 -9.40 -14.84
N THR B 136 -5.56 -9.70 -13.60
CA THR B 136 -5.28 -11.14 -13.25
C THR B 136 -6.14 -11.60 -12.08
N TYR B 137 -6.65 -10.67 -11.29
CA TYR B 137 -7.49 -11.04 -10.13
C TYR B 137 -8.77 -10.23 -10.13
N LEU B 138 -9.92 -10.89 -10.12
CA LEU B 138 -11.22 -10.20 -10.02
C LEU B 138 -12.02 -10.91 -8.95
N ASN B 139 -12.36 -10.13 -7.92
CA ASN B 139 -13.11 -10.67 -6.82
C ASN B 139 -14.40 -9.93 -6.69
N LEU B 140 -15.50 -10.64 -6.99
CA LEU B 140 -16.87 -10.12 -6.84
C LEU B 140 -17.62 -10.82 -5.75
N ALA B 141 -16.93 -11.38 -4.80
CA ALA B 141 -17.65 -12.21 -3.78
C ALA B 141 -18.51 -11.36 -2.85
N HIS B 142 -19.50 -11.96 -2.20
CA HIS B 142 -20.36 -11.29 -1.25
C HIS B 142 -21.03 -10.04 -1.84
N ASN B 143 -21.78 -10.25 -2.92
CA ASN B 143 -22.64 -9.23 -3.50
C ASN B 143 -24.07 -9.83 -3.66
N GLN B 144 -24.88 -9.24 -4.49
CA GLN B 144 -26.26 -9.71 -4.69
C GLN B 144 -26.45 -10.04 -6.16
N LEU B 145 -25.39 -10.45 -6.86
CA LEU B 145 -25.53 -10.68 -8.32
C LEU B 145 -26.42 -11.85 -8.59
N GLN B 146 -27.27 -11.74 -9.61
CA GLN B 146 -28.23 -12.81 -9.89
C GLN B 146 -28.00 -13.42 -11.27
N SER B 147 -27.31 -12.67 -12.15
CA SER B 147 -26.92 -13.28 -13.45
C SER B 147 -25.66 -12.54 -13.87
N LEU B 148 -25.04 -12.98 -14.96
CA LEU B 148 -23.89 -12.30 -15.55
C LEU B 148 -24.24 -11.99 -16.99
N PRO B 149 -23.83 -10.82 -17.46
CA PRO B 149 -23.99 -10.53 -18.89
C PRO B 149 -23.24 -11.50 -19.78
N LYS B 150 -23.83 -11.85 -20.92
CA LYS B 150 -23.07 -12.67 -21.85
C LYS B 150 -21.76 -11.94 -22.20
N GLY B 151 -20.69 -12.72 -22.17
CA GLY B 151 -19.31 -12.26 -22.54
C GLY B 151 -18.63 -11.32 -21.52
N VAL B 152 -19.20 -11.25 -20.33
CA VAL B 152 -18.70 -10.25 -19.34
C VAL B 152 -17.19 -10.39 -19.06
N PHE B 153 -16.63 -11.61 -19.18
CA PHE B 153 -15.23 -11.85 -18.89
C PHE B 153 -14.43 -12.08 -20.15
N ASP B 154 -15.01 -11.85 -21.34
CA ASP B 154 -14.30 -12.25 -22.55
C ASP B 154 -13.00 -11.54 -22.86
N LYS B 155 -12.85 -10.31 -22.41
CA LYS B 155 -11.60 -9.62 -22.67
C LYS B 155 -10.52 -9.88 -21.61
N LEU B 156 -10.88 -10.63 -20.55
CA LEU B 156 -9.95 -10.89 -19.44
C LEU B 156 -9.04 -12.11 -19.63
N THR B 157 -8.37 -12.14 -20.76
CA THR B 157 -7.63 -13.35 -21.17
C THR B 157 -6.50 -13.67 -20.22
N ASN B 158 -6.02 -12.70 -19.45
CA ASN B 158 -4.96 -12.95 -18.48
C ASN B 158 -5.40 -13.27 -17.07
N LEU B 159 -6.70 -13.46 -16.90
CA LEU B 159 -7.20 -13.70 -15.55
C LEU B 159 -6.66 -14.99 -14.99
N THR B 160 -6.22 -14.95 -13.74
CA THR B 160 -5.76 -16.19 -13.03
C THR B 160 -6.67 -16.52 -11.87
N GLU B 161 -7.34 -15.51 -11.29
CA GLU B 161 -8.32 -15.83 -10.20
C GLU B 161 -9.62 -15.09 -10.36
N LEU B 162 -10.72 -15.85 -10.26
CA LEU B 162 -12.03 -15.26 -10.38
C LEU B 162 -12.93 -15.78 -9.28
N ASP B 163 -13.45 -14.84 -8.51
CA ASP B 163 -14.24 -15.21 -7.32
C ASP B 163 -15.62 -14.59 -7.43
N LEU B 164 -16.59 -15.48 -7.58
CA LEU B 164 -17.99 -15.11 -7.71
C LEU B 164 -18.81 -15.68 -6.56
N SER B 165 -18.13 -16.11 -5.51
CA SER B 165 -18.82 -16.81 -4.41
C SER B 165 -19.75 -15.87 -3.65
N TYR B 166 -20.72 -16.44 -2.95
CA TYR B 166 -21.62 -15.68 -2.02
C TYR B 166 -22.33 -14.56 -2.81
N ASN B 167 -23.00 -14.99 -3.88
CA ASN B 167 -23.90 -14.13 -4.60
C ASN B 167 -25.24 -14.85 -4.68
N GLN B 168 -26.12 -14.41 -5.57
CA GLN B 168 -27.44 -15.07 -5.78
C GLN B 168 -27.57 -15.61 -7.19
N LEU B 169 -26.44 -16.11 -7.75
CA LEU B 169 -26.47 -16.43 -9.17
C LEU B 169 -27.43 -17.55 -9.49
N GLN B 170 -28.30 -17.27 -10.46
CA GLN B 170 -29.37 -18.22 -10.82
C GLN B 170 -28.96 -19.17 -11.95
N SER B 171 -28.07 -18.67 -12.76
CA SER B 171 -27.52 -19.37 -13.94
C SER B 171 -26.22 -18.77 -14.36
N LEU B 172 -25.52 -19.47 -15.28
CA LEU B 172 -24.33 -18.91 -15.90
C LEU B 172 -24.59 -18.83 -17.42
N PRO B 173 -24.14 -17.75 -18.09
CA PRO B 173 -24.35 -17.72 -19.55
C PRO B 173 -23.50 -18.75 -20.30
N GLU B 174 -24.06 -19.31 -21.37
CA GLU B 174 -23.32 -20.15 -22.29
C GLU B 174 -21.97 -19.49 -22.61
N GLY B 175 -20.86 -20.23 -22.41
CA GLY B 175 -19.47 -19.85 -22.84
C GLY B 175 -18.75 -18.82 -21.97
N VAL B 176 -19.35 -18.57 -20.80
CA VAL B 176 -18.94 -17.44 -19.94
C VAL B 176 -17.46 -17.50 -19.54
N PHE B 177 -16.87 -18.71 -19.56
CA PHE B 177 -15.48 -18.84 -19.19
C PHE B 177 -14.60 -19.25 -20.34
N ASP B 178 -15.10 -19.17 -21.57
CA ASP B 178 -14.35 -19.77 -22.69
C ASP B 178 -13.01 -19.09 -23.06
N LYS B 179 -12.85 -17.81 -22.67
CA LYS B 179 -11.65 -17.05 -22.93
C LYS B 179 -10.60 -17.12 -21.83
N LEU B 180 -10.95 -17.73 -20.69
CA LEU B 180 -10.11 -17.63 -19.50
C LEU B 180 -9.16 -18.81 -19.43
N THR B 181 -8.33 -18.93 -20.48
CA THR B 181 -7.44 -20.10 -20.54
C THR B 181 -6.27 -20.10 -19.56
N GLN B 182 -6.00 -18.97 -18.92
CA GLN B 182 -4.97 -18.94 -17.85
C GLN B 182 -5.57 -19.05 -16.43
N LEU B 183 -6.90 -19.18 -16.33
CA LEU B 183 -7.53 -19.17 -15.02
C LEU B 183 -7.09 -20.37 -14.17
N LYS B 184 -6.60 -20.11 -12.96
CA LYS B 184 -6.16 -21.12 -12.02
C LYS B 184 -7.14 -21.43 -10.92
N ASP B 185 -7.99 -20.42 -10.58
CA ASP B 185 -8.79 -20.50 -9.33
C ASP B 185 -10.15 -19.91 -9.66
N LEU B 186 -11.22 -20.72 -9.61
CA LEU B 186 -12.55 -20.28 -9.92
C LEU B 186 -13.51 -20.63 -8.77
N ARG B 187 -14.16 -19.61 -8.20
CA ARG B 187 -15.00 -19.80 -6.99
C ARG B 187 -16.44 -19.49 -7.30
N LEU B 188 -17.30 -20.51 -7.24
CA LEU B 188 -18.71 -20.39 -7.57
C LEU B 188 -19.55 -20.81 -6.42
N TYR B 189 -18.94 -21.02 -5.26
CA TYR B 189 -19.68 -21.56 -4.07
C TYR B 189 -20.59 -20.51 -3.49
N GLN B 190 -21.63 -21.03 -2.82
CA GLN B 190 -22.66 -20.23 -2.17
C GLN B 190 -23.32 -19.32 -3.21
N ASN B 191 -24.00 -19.96 -4.14
CA ASN B 191 -24.87 -19.28 -5.06
C ASN B 191 -26.17 -20.11 -5.15
N GLN B 192 -26.92 -19.83 -6.19
CA GLN B 192 -28.19 -20.56 -6.38
C GLN B 192 -28.19 -21.25 -7.71
N LEU B 193 -27.03 -21.78 -8.09
CA LEU B 193 -26.96 -22.43 -9.40
C LEU B 193 -27.60 -23.81 -9.33
N LYS B 194 -28.49 -24.05 -10.27
CA LYS B 194 -29.06 -25.38 -10.45
C LYS B 194 -28.33 -26.21 -11.55
N SER B 195 -27.75 -25.57 -12.56
CA SER B 195 -27.04 -26.31 -13.59
C SER B 195 -25.96 -25.38 -14.13
N VAL B 196 -25.13 -25.93 -14.99
CA VAL B 196 -24.19 -25.14 -15.76
C VAL B 196 -24.42 -25.48 -17.24
N PRO B 197 -24.04 -24.55 -18.13
CA PRO B 197 -24.18 -24.89 -19.54
C PRO B 197 -23.26 -26.03 -19.91
N ASP B 198 -23.72 -26.92 -20.80
CA ASP B 198 -22.79 -27.98 -21.27
C ASP B 198 -21.49 -27.37 -21.74
N GLY B 199 -20.39 -27.99 -21.28
CA GLY B 199 -19.05 -27.57 -21.72
C GLY B 199 -18.45 -26.33 -21.08
N VAL B 200 -19.14 -25.79 -20.06
CA VAL B 200 -18.80 -24.46 -19.53
C VAL B 200 -17.37 -24.39 -19.01
N PHE B 201 -16.83 -25.53 -18.58
CA PHE B 201 -15.42 -25.53 -18.05
C PHE B 201 -14.39 -26.09 -19.01
N ASP B 202 -14.83 -26.48 -20.20
CA ASP B 202 -13.94 -27.21 -21.07
C ASP B 202 -12.67 -26.47 -21.53
N ARG B 203 -12.71 -25.14 -21.57
CA ARG B 203 -11.58 -24.35 -22.06
C ARG B 203 -10.58 -24.02 -20.98
N LEU B 204 -10.87 -24.42 -19.72
CA LEU B 204 -10.08 -24.02 -18.56
C LEU B 204 -8.88 -24.93 -18.25
N THR B 205 -7.95 -24.93 -19.20
CA THR B 205 -6.86 -25.89 -19.24
C THR B 205 -5.78 -25.61 -18.16
N SER B 206 -5.87 -24.42 -17.56
CA SER B 206 -4.92 -24.01 -16.47
C SER B 206 -5.54 -24.25 -15.09
N LEU B 207 -6.79 -24.69 -15.05
CA LEU B 207 -7.50 -24.68 -13.75
C LEU B 207 -6.91 -25.65 -12.72
N GLN B 208 -6.72 -25.19 -11.49
CA GLN B 208 -6.16 -26.03 -10.43
C GLN B 208 -7.12 -26.08 -9.26
N TYR B 209 -7.98 -25.07 -9.12
CA TYR B 209 -8.94 -25.05 -8.02
C TYR B 209 -10.31 -24.61 -8.48
N ILE B 210 -11.34 -25.41 -8.19
CA ILE B 210 -12.71 -24.90 -8.40
C ILE B 210 -13.55 -25.21 -7.19
N TRP B 211 -14.43 -24.29 -6.84
CA TRP B 211 -15.34 -24.51 -5.70
C TRP B 211 -16.77 -24.44 -6.20
N LEU B 212 -17.49 -25.54 -5.98
CA LEU B 212 -18.84 -25.63 -6.50
C LEU B 212 -19.89 -25.85 -5.40
N HIS B 213 -19.41 -26.03 -4.16
CA HIS B 213 -20.31 -26.41 -3.05
C HIS B 213 -21.34 -25.32 -2.71
N ASP B 214 -22.36 -25.70 -1.98
CA ASP B 214 -23.42 -24.75 -1.55
C ASP B 214 -24.15 -24.03 -2.72
N ASN B 215 -24.42 -24.81 -3.77
CA ASN B 215 -25.42 -24.55 -4.77
C ASN B 215 -26.41 -25.71 -4.74
N PRO B 216 -27.68 -25.42 -5.06
CA PRO B 216 -28.81 -26.35 -5.16
C PRO B 216 -28.84 -27.10 -6.51
N TRP B 217 -27.79 -27.91 -6.80
CA TRP B 217 -27.62 -28.59 -8.08
C TRP B 217 -28.85 -29.49 -8.37
N ASP B 218 -29.42 -29.31 -9.54
CA ASP B 218 -30.59 -30.08 -9.97
C ASP B 218 -30.00 -31.36 -10.61
N CYS B 219 -30.18 -32.51 -9.95
CA CYS B 219 -29.54 -33.75 -10.40
C CYS B 219 -30.41 -34.60 -11.27
N THR B 220 -31.38 -33.95 -11.89
CA THR B 220 -32.33 -34.59 -12.76
C THR B 220 -31.67 -34.85 -14.17
N CYS B 221 -32.06 -35.95 -14.82
CA CYS B 221 -31.49 -36.34 -16.11
C CYS B 221 -32.30 -35.86 -17.31
N PRO B 222 -31.65 -35.54 -18.44
CA PRO B 222 -30.24 -35.75 -18.78
C PRO B 222 -29.36 -34.57 -18.43
N GLY B 223 -29.96 -33.51 -17.86
CA GLY B 223 -29.30 -32.20 -17.66
C GLY B 223 -27.98 -32.26 -16.87
N ILE B 224 -27.96 -33.11 -15.86
CA ILE B 224 -26.79 -33.19 -14.94
C ILE B 224 -25.54 -33.91 -15.51
N ARG B 225 -25.65 -34.59 -16.66
CA ARG B 225 -24.52 -35.42 -17.20
C ARG B 225 -23.21 -34.71 -17.31
N TYR B 226 -23.22 -33.48 -17.88
CA TYR B 226 -22.01 -32.81 -18.15
C TYR B 226 -21.28 -32.57 -16.83
N LEU B 227 -21.98 -32.04 -15.84
CA LEU B 227 -21.34 -31.63 -14.63
C LEU B 227 -20.85 -32.83 -13.82
N SER B 228 -21.67 -33.88 -13.74
CA SER B 228 -21.24 -35.08 -13.04
C SER B 228 -19.98 -35.66 -13.71
N GLU B 229 -19.96 -35.72 -15.03
CA GLU B 229 -18.84 -36.27 -15.78
C GLU B 229 -17.56 -35.43 -15.57
N TRP B 230 -17.74 -34.09 -15.67
CA TRP B 230 -16.67 -33.18 -15.51
C TRP B 230 -15.98 -33.36 -14.14
N ILE B 231 -16.77 -33.43 -13.07
CA ILE B 231 -16.22 -33.56 -11.71
C ILE B 231 -15.42 -34.85 -11.62
N ASN B 232 -15.95 -35.94 -12.16
CA ASN B 232 -15.16 -37.18 -12.03
C ASN B 232 -13.90 -37.13 -12.80
N LYS B 233 -13.94 -36.51 -13.99
CA LYS B 233 -12.77 -36.39 -14.84
C LYS B 233 -11.72 -35.43 -14.21
N HIS B 234 -12.18 -34.40 -13.51
CA HIS B 234 -11.28 -33.36 -13.03
C HIS B 234 -11.33 -33.30 -11.52
N SER B 235 -11.39 -34.48 -10.92
CA SER B 235 -11.65 -34.66 -9.47
C SER B 235 -10.62 -33.91 -8.62
N GLY B 236 -9.37 -33.91 -9.04
CA GLY B 236 -8.31 -33.24 -8.27
C GLY B 236 -8.36 -31.72 -8.17
N VAL B 237 -9.27 -31.13 -8.95
CA VAL B 237 -9.44 -29.66 -9.06
C VAL B 237 -10.52 -29.19 -8.07
N VAL B 238 -11.48 -30.08 -7.80
CA VAL B 238 -12.68 -29.75 -7.02
C VAL B 238 -12.39 -29.67 -5.51
N ARG B 239 -12.69 -28.52 -4.89
CA ARG B 239 -12.29 -28.21 -3.53
C ARG B 239 -13.50 -28.05 -2.62
N ASN B 240 -13.39 -28.52 -1.35
CA ASN B 240 -14.41 -28.18 -0.34
C ASN B 240 -14.13 -26.81 0.30
N SER B 241 -15.00 -26.38 1.20
CA SER B 241 -14.95 -24.96 1.68
C SER B 241 -13.60 -24.62 2.32
N ALA B 242 -12.95 -25.69 2.80
CA ALA B 242 -11.63 -25.64 3.48
C ALA B 242 -10.36 -25.74 2.55
N GLY B 243 -10.59 -25.79 1.23
CA GLY B 243 -9.52 -25.69 0.26
C GLY B 243 -9.00 -27.07 -0.13
N SER B 244 -9.53 -28.11 0.52
CA SER B 244 -9.07 -29.52 0.27
C SER B 244 -9.70 -30.13 -0.95
N VAL B 245 -8.96 -31.00 -1.67
CA VAL B 245 -9.59 -31.75 -2.77
C VAL B 245 -10.73 -32.61 -2.26
N ALA B 246 -11.91 -32.51 -2.87
CA ALA B 246 -13.11 -33.13 -2.37
C ALA B 246 -14.16 -33.15 -3.45
N PRO B 247 -14.07 -34.13 -4.32
CA PRO B 247 -14.98 -34.16 -5.46
C PRO B 247 -16.42 -34.38 -5.11
N ASP B 248 -16.71 -34.87 -3.92
CA ASP B 248 -18.08 -35.04 -3.55
C ASP B 248 -18.74 -33.76 -3.02
N SER B 249 -17.97 -32.68 -2.91
CA SER B 249 -18.53 -31.46 -2.27
C SER B 249 -19.67 -30.79 -2.98
N ALA B 250 -19.86 -31.03 -4.29
CA ALA B 250 -21.02 -30.55 -5.00
C ALA B 250 -22.19 -31.49 -4.79
N LYS B 251 -23.29 -31.00 -4.23
CA LYS B 251 -24.35 -31.94 -3.79
C LYS B 251 -25.66 -31.62 -4.43
N CYS B 252 -26.43 -32.68 -4.64
CA CYS B 252 -27.74 -32.58 -5.24
C CYS B 252 -28.70 -31.99 -4.23
N SER B 253 -29.51 -31.04 -4.69
CA SER B 253 -30.61 -30.57 -3.86
C SER B 253 -31.59 -31.75 -3.65
N GLY B 254 -32.25 -31.81 -2.51
CA GLY B 254 -33.21 -32.92 -2.36
C GLY B 254 -32.47 -34.06 -1.73
N SER B 255 -31.87 -34.91 -2.58
CA SER B 255 -30.98 -36.06 -2.18
C SER B 255 -29.96 -35.77 -1.11
N GLY B 256 -29.19 -34.69 -1.33
CA GLY B 256 -27.94 -34.47 -0.62
C GLY B 256 -26.80 -35.37 -1.17
N LYS B 257 -27.11 -36.16 -2.19
CA LYS B 257 -26.14 -37.12 -2.80
C LYS B 257 -25.12 -36.31 -3.58
N PRO B 258 -23.86 -36.81 -3.70
CA PRO B 258 -22.91 -36.05 -4.55
C PRO B 258 -23.31 -35.99 -6.02
N VAL B 259 -23.17 -34.82 -6.61
CA VAL B 259 -23.41 -34.69 -8.06
C VAL B 259 -22.63 -35.75 -8.86
N ARG B 260 -21.36 -35.97 -8.46
CA ARG B 260 -20.51 -36.91 -9.18
C ARG B 260 -20.99 -38.35 -9.12
N SER B 261 -21.88 -38.69 -8.19
CA SER B 261 -22.42 -40.05 -8.07
C SER B 261 -23.60 -40.32 -9.02
N ILE B 262 -24.14 -39.27 -9.66
CA ILE B 262 -25.35 -39.41 -10.52
C ILE B 262 -25.01 -39.94 -11.92
N ILE B 263 -25.68 -41.04 -12.26
CA ILE B 263 -25.64 -41.65 -13.59
C ILE B 263 -27.00 -41.50 -14.29
N CYS B 264 -26.96 -41.07 -15.53
CA CYS B 264 -28.20 -40.83 -16.33
C CYS B 264 -28.56 -41.99 -17.28
MG MG C . 6.26 14.81 -0.95
MG MG D . -1.32 -13.07 -9.30
#